data_1RGB
#
_entry.id   1RGB
#
_cell.length_a   46.568
_cell.length_b   82.670
_cell.length_c   119.469
_cell.angle_alpha   90.00
_cell.angle_beta   90.00
_cell.angle_gamma   90.00
#
_symmetry.space_group_name_H-M   'P 21 21 21'
#
loop_
_entity.id
_entity.type
_entity.pdbx_description
1 polymer 'Phospholipase A2'
2 non-polymer (9E)-OCTADEC-9-ENAMIDE
#
_entity_poly.entity_id   1
_entity_poly.type   'polypeptide(L)'
_entity_poly.pdbx_seq_one_letter_code
;NLFQFAKMINGKLGAFSVWNYISYGCYCGWGGQGTPKDATDRCCFVHDCCYGRVRGCNPKLAIYSYSFKKGNIVCGKNNG
CLRDICECDRVAANCFHQNKNTYNKNYKFLSSSRCRQTSEQC
;
_entity_poly.pdbx_strand_id   A,B,K,L
#
# COMPACT_ATOMS: atom_id res chain seq x y z
N ASN A 1 -6.31 7.90 17.11
CA ASN A 1 -7.32 6.91 16.63
C ASN A 1 -8.48 6.95 17.59
N LEU A 2 -9.59 6.37 17.18
CA LEU A 2 -10.74 6.34 18.04
C LEU A 2 -10.30 6.09 19.46
N PHE A 3 -9.67 4.95 19.68
CA PHE A 3 -9.20 4.68 21.02
C PHE A 3 -8.55 5.90 21.64
N GLN A 4 -7.41 6.30 21.09
CA GLN A 4 -6.69 7.45 21.61
C GLN A 4 -7.74 8.51 21.95
N PHE A 5 -8.54 8.76 20.93
CA PHE A 5 -9.60 9.73 21.00
C PHE A 5 -10.46 9.41 22.18
N ALA A 6 -11.04 8.23 22.14
CA ALA A 6 -11.90 7.75 23.20
C ALA A 6 -11.38 8.20 24.57
N LYS A 7 -10.18 7.75 24.90
CA LYS A 7 -9.57 8.11 26.16
C LYS A 7 -9.79 9.58 26.42
N MET A 8 -9.28 10.42 25.52
CA MET A 8 -9.40 11.87 25.68
C MET A 8 -10.73 12.30 26.24
N ILE A 9 -11.79 11.80 25.64
CA ILE A 9 -13.12 12.16 26.08
C ILE A 9 -13.28 11.70 27.53
N ASN A 10 -12.89 10.46 27.82
CA ASN A 10 -12.98 9.97 29.19
C ASN A 10 -12.18 10.88 30.07
N GLY A 11 -11.03 11.29 29.55
CA GLY A 11 -10.18 12.17 30.30
C GLY A 11 -10.86 13.48 30.62
N LYS A 12 -10.73 14.46 29.72
CA LYS A 12 -11.30 15.78 29.90
C LYS A 12 -12.73 15.81 30.48
N LEU A 13 -13.63 15.03 29.89
CA LEU A 13 -14.99 15.02 30.40
C LEU A 13 -15.32 13.77 31.19
N GLY A 14 -14.50 13.46 32.19
CA GLY A 14 -14.76 12.29 33.00
C GLY A 14 -14.92 10.96 32.28
N ALA A 15 -15.16 9.90 33.02
CA ALA A 15 -15.30 8.58 32.41
C ALA A 15 -16.70 8.30 31.91
N PHE A 16 -16.84 7.22 31.14
CA PHE A 16 -18.13 6.83 30.60
C PHE A 16 -18.65 7.88 29.62
N SER A 17 -18.04 9.06 29.65
CA SER A 17 -18.38 10.19 28.79
C SER A 17 -18.47 9.81 27.31
N VAL A 18 -17.48 9.03 26.87
CA VAL A 18 -17.41 8.57 25.50
C VAL A 18 -18.79 8.07 25.10
N TRP A 19 -19.28 7.08 25.83
CA TRP A 19 -20.59 6.48 25.58
C TRP A 19 -21.62 7.52 25.19
N ASN A 20 -21.34 8.79 25.45
CA ASN A 20 -22.29 9.84 25.14
C ASN A 20 -21.99 10.63 23.86
N TYR A 21 -21.17 10.03 23.03
CA TYR A 21 -20.81 10.66 21.79
C TYR A 21 -20.76 9.51 20.84
N ILE A 22 -21.20 8.39 21.38
CA ILE A 22 -21.27 7.17 20.63
C ILE A 22 -22.16 7.55 19.46
N SER A 23 -23.22 8.30 19.80
CA SER A 23 -24.21 8.80 18.86
C SER A 23 -24.96 9.93 19.54
N TYR A 24 -25.15 11.01 18.77
CA TYR A 24 -25.82 12.22 19.24
C TYR A 24 -25.69 13.31 18.20
N GLY A 25 -26.80 13.92 17.83
CA GLY A 25 -26.76 14.99 16.86
C GLY A 25 -26.40 14.52 15.47
N CYS A 26 -26.64 15.37 14.48
CA CYS A 26 -26.38 15.07 13.09
C CYS A 26 -24.98 14.62 12.81
N TYR A 27 -24.04 15.03 13.64
CA TYR A 27 -22.66 14.68 13.37
C TYR A 27 -21.90 13.90 14.42
N CYS A 28 -22.51 13.69 15.57
CA CYS A 28 -21.81 12.92 16.56
C CYS A 28 -22.25 11.48 16.34
N GLY A 29 -21.42 10.53 16.73
CA GLY A 29 -21.76 9.13 16.52
C GLY A 29 -21.90 8.86 15.04
N TRP A 30 -22.83 7.99 14.67
CA TRP A 30 -23.05 7.68 13.26
C TRP A 30 -24.01 8.72 12.69
N GLY A 31 -23.53 9.42 11.67
CA GLY A 31 -24.32 10.45 11.01
C GLY A 31 -23.52 11.09 9.88
N GLY A 32 -23.70 12.37 9.64
CA GLY A 32 -22.94 13.02 8.58
C GLY A 32 -23.73 13.84 7.60
N GLN A 33 -24.99 14.12 7.92
CA GLN A 33 -25.83 14.90 7.02
C GLN A 33 -26.51 16.11 7.66
N GLY A 34 -26.99 16.98 6.78
CA GLY A 34 -27.66 18.19 7.21
C GLY A 34 -26.82 19.10 8.09
N THR A 35 -27.48 20.11 8.64
CA THR A 35 -26.83 21.06 9.51
C THR A 35 -26.87 20.44 10.91
N PRO A 36 -26.00 20.93 11.81
CA PRO A 36 -25.90 20.47 13.22
C PRO A 36 -27.16 20.83 14.00
N LYS A 37 -27.07 20.73 15.31
CA LYS A 37 -28.22 21.07 16.12
C LYS A 37 -27.87 22.27 17.01
N ASP A 38 -27.14 21.99 18.07
CA ASP A 38 -26.75 23.03 19.00
C ASP A 38 -25.27 23.40 18.92
N ALA A 39 -24.55 23.03 19.99
CA ALA A 39 -23.12 23.31 20.10
C ALA A 39 -22.35 22.00 20.06
N THR A 40 -22.58 21.18 21.08
CA THR A 40 -21.95 19.88 21.21
C THR A 40 -21.84 19.23 19.85
N ASP A 41 -22.96 19.16 19.16
CA ASP A 41 -23.01 18.58 17.83
C ASP A 41 -21.90 19.22 17.01
N ARG A 42 -21.90 20.56 16.95
CA ARG A 42 -20.88 21.28 16.18
C ARG A 42 -19.51 20.76 16.57
N CYS A 43 -19.32 20.61 17.87
CA CYS A 43 -18.06 20.11 18.35
C CYS A 43 -17.65 18.95 17.47
N CYS A 44 -18.46 17.90 17.44
CA CYS A 44 -18.15 16.74 16.60
C CYS A 44 -17.88 17.21 15.17
N PHE A 45 -18.94 17.39 14.41
CA PHE A 45 -18.82 17.84 13.04
C PHE A 45 -17.42 18.29 12.60
N VAL A 46 -17.02 19.46 13.10
CA VAL A 46 -15.71 20.02 12.78
C VAL A 46 -14.67 18.93 12.83
N HIS A 47 -14.65 18.19 13.94
CA HIS A 47 -13.72 17.08 14.10
C HIS A 47 -13.82 16.38 12.80
N ASP A 48 -15.01 15.94 12.46
CA ASP A 48 -15.17 15.26 11.20
C ASP A 48 -14.59 16.12 10.11
N CYS A 49 -14.83 17.43 10.16
CA CYS A 49 -14.26 18.30 9.14
C CYS A 49 -12.77 18.30 9.24
N CYS A 50 -12.29 18.23 10.48
CA CYS A 50 -10.87 18.21 10.78
C CYS A 50 -10.34 16.96 10.11
N TYR A 51 -10.93 15.82 10.49
CA TYR A 51 -10.56 14.55 9.90
C TYR A 51 -10.61 14.75 8.39
N GLY A 52 -11.62 15.49 7.93
CA GLY A 52 -11.81 15.75 6.50
C GLY A 52 -10.64 16.42 5.81
N ARG A 53 -10.04 17.40 6.48
CA ARG A 53 -8.91 18.08 5.90
C ARG A 53 -7.77 17.09 5.63
N VAL A 54 -7.26 16.50 6.70
CA VAL A 54 -6.18 15.53 6.61
C VAL A 54 -6.06 14.69 5.32
N ARG A 55 -4.82 14.25 5.05
CA ARG A 55 -4.49 13.42 3.90
C ARG A 55 -3.27 12.54 4.22
N GLY A 56 -3.08 11.46 3.46
CA GLY A 56 -1.95 10.57 3.67
C GLY A 56 -1.96 9.74 4.95
N CYS A 57 -3.09 9.75 5.64
CA CYS A 57 -3.22 9.01 6.89
C CYS A 57 -4.69 8.69 7.12
N ASN A 58 -4.94 7.86 8.13
CA ASN A 58 -6.30 7.45 8.49
C ASN A 58 -6.57 7.72 9.97
N PRO A 59 -7.22 8.82 10.28
CA PRO A 59 -7.54 9.19 11.66
C PRO A 59 -8.18 8.04 12.43
N LYS A 60 -8.95 7.20 11.73
CA LYS A 60 -9.59 6.08 12.40
C LYS A 60 -8.49 5.15 12.79
N LEU A 61 -7.61 4.88 11.84
CA LEU A 61 -6.50 3.98 12.09
C LEU A 61 -5.13 4.53 12.41
N ALA A 62 -5.04 5.83 12.69
CA ALA A 62 -3.74 6.39 12.99
C ALA A 62 -3.47 6.09 14.46
N ILE A 63 -2.28 6.40 14.93
CA ILE A 63 -1.95 6.19 16.33
C ILE A 63 -0.92 7.22 16.76
N TYR A 64 -1.41 8.39 17.12
CA TYR A 64 -0.55 9.49 17.55
C TYR A 64 -0.15 9.36 19.01
N SER A 65 0.54 10.40 19.49
CA SER A 65 1.01 10.50 20.87
C SER A 65 0.35 11.70 21.51
N TYR A 66 -0.24 11.44 22.67
CA TYR A 66 -0.95 12.45 23.44
C TYR A 66 -0.70 12.16 24.92
N SER A 67 -1.33 12.96 25.77
CA SER A 67 -1.24 12.81 27.21
C SER A 67 -1.83 14.04 27.88
N PHE A 68 -2.28 13.85 29.10
CA PHE A 68 -2.85 14.96 29.83
C PHE A 68 -1.72 15.60 30.61
N LYS A 69 -1.43 16.85 30.32
CA LYS A 69 -0.38 17.48 31.09
C LYS A 69 -1.10 17.68 32.43
N LYS A 70 -1.10 16.62 33.22
CA LYS A 70 -1.70 16.59 34.54
C LYS A 70 -3.15 17.02 34.64
N GLY A 71 -3.67 17.78 33.66
CA GLY A 71 -5.05 18.21 33.76
C GLY A 71 -5.81 18.39 32.47
N ASN A 72 -5.08 18.73 31.41
CA ASN A 72 -5.71 18.96 30.11
C ASN A 72 -4.99 18.24 28.98
N ILE A 73 -5.78 17.61 28.12
CA ILE A 73 -5.25 16.89 26.99
C ILE A 73 -4.15 17.68 26.34
N VAL A 74 -3.14 16.98 25.85
CA VAL A 74 -2.03 17.64 25.20
C VAL A 74 -1.35 16.74 24.17
N CYS A 75 -1.31 17.20 22.92
CA CYS A 75 -0.70 16.45 21.83
C CYS A 75 0.80 16.74 21.76
N GLY A 76 1.61 15.81 22.29
CA GLY A 76 3.07 15.97 22.34
C GLY A 76 3.95 15.89 21.10
N LYS A 77 5.10 16.57 21.16
CA LYS A 77 6.06 16.61 20.05
C LYS A 77 5.76 15.65 18.92
N ASN A 78 5.10 16.15 17.89
CA ASN A 78 4.67 15.36 16.75
C ASN A 78 5.65 15.22 15.58
N ASN A 79 5.16 14.56 14.52
CA ASN A 79 5.94 14.29 13.32
C ASN A 79 5.04 13.98 12.13
N GLY A 80 4.21 14.94 11.71
CA GLY A 80 3.34 14.71 10.56
C GLY A 80 1.85 14.94 10.73
N CYS A 81 1.05 14.03 10.17
CA CYS A 81 -0.41 14.10 10.24
C CYS A 81 -0.88 13.82 11.67
N LEU A 82 -0.22 12.86 12.33
CA LEU A 82 -0.57 12.52 13.71
C LEU A 82 -0.73 13.85 14.40
N ARG A 83 0.30 14.67 14.25
CA ARG A 83 0.32 16.01 14.80
C ARG A 83 -1.10 16.53 14.74
N ASP A 84 -1.65 16.52 13.54
CA ASP A 84 -3.00 16.98 13.33
C ASP A 84 -4.02 16.04 13.99
N ILE A 85 -4.26 14.89 13.37
CA ILE A 85 -5.22 13.91 13.88
C ILE A 85 -5.41 14.04 15.37
N CYS A 86 -4.29 14.11 16.08
CA CYS A 86 -4.34 14.24 17.53
C CYS A 86 -5.09 15.52 17.82
N GLU A 87 -4.49 16.62 17.41
CA GLU A 87 -5.08 17.92 17.61
C GLU A 87 -6.58 17.85 17.35
N CYS A 88 -6.94 17.24 16.22
CA CYS A 88 -8.34 17.08 15.84
C CYS A 88 -9.05 16.52 17.06
N ASP A 89 -8.77 15.25 17.31
CA ASP A 89 -9.35 14.58 18.44
C ASP A 89 -9.22 15.48 19.65
N ARG A 90 -8.03 16.02 19.83
CA ARG A 90 -7.74 16.89 20.97
C ARG A 90 -8.80 17.94 21.26
N VAL A 91 -8.87 18.95 20.41
CA VAL A 91 -9.83 20.01 20.63
C VAL A 91 -11.26 19.52 20.65
N ALA A 92 -11.66 18.84 19.58
CA ALA A 92 -13.01 18.28 19.48
C ALA A 92 -13.36 17.83 20.89
N ALA A 93 -12.39 17.18 21.51
CA ALA A 93 -12.53 16.70 22.87
C ALA A 93 -12.83 17.91 23.74
N ASN A 94 -11.81 18.74 23.94
CA ASN A 94 -11.93 19.96 24.74
C ASN A 94 -13.23 20.64 24.38
N CYS A 95 -13.52 20.56 23.09
CA CYS A 95 -14.71 21.15 22.53
C CYS A 95 -15.96 20.68 23.27
N PHE A 96 -16.03 19.41 23.62
CA PHE A 96 -17.22 18.91 24.33
C PHE A 96 -17.29 19.57 25.66
N HIS A 97 -16.23 19.39 26.43
CA HIS A 97 -16.15 19.95 27.76
C HIS A 97 -16.57 21.39 27.73
N GLN A 98 -16.23 22.05 26.64
CA GLN A 98 -16.56 23.44 26.46
C GLN A 98 -18.08 23.68 26.45
N ASN A 99 -18.86 22.62 26.27
CA ASN A 99 -20.32 22.75 26.22
C ASN A 99 -21.07 21.53 26.81
N LYS A 100 -20.75 21.18 28.04
CA LYS A 100 -21.39 20.03 28.70
C LYS A 100 -22.88 20.21 28.93
N ASN A 101 -23.22 21.03 29.91
CA ASN A 101 -24.61 21.31 30.27
C ASN A 101 -25.52 21.42 29.05
N THR A 102 -25.02 22.04 27.99
CA THR A 102 -25.78 22.21 26.77
C THR A 102 -26.21 20.87 26.19
N TYR A 103 -25.61 19.80 26.70
CA TYR A 103 -25.95 18.47 26.24
C TYR A 103 -27.48 18.35 26.27
N ASN A 104 -28.03 17.62 25.29
CA ASN A 104 -29.47 17.42 25.17
C ASN A 104 -29.76 15.94 24.89
N LYS A 105 -29.93 15.18 25.97
CA LYS A 105 -30.20 13.75 25.90
C LYS A 105 -31.05 13.32 24.70
N ASN A 106 -32.07 14.10 24.42
CA ASN A 106 -32.97 13.80 23.33
C ASN A 106 -32.32 13.99 21.94
N TYR A 107 -31.10 14.52 21.93
CA TYR A 107 -30.40 14.72 20.66
C TYR A 107 -29.49 13.52 20.42
N LYS A 108 -29.48 12.59 21.36
CA LYS A 108 -28.70 11.37 21.20
C LYS A 108 -29.71 10.48 20.49
N PHE A 109 -29.37 10.02 19.28
CA PHE A 109 -30.27 9.18 18.51
C PHE A 109 -31.32 10.00 17.79
N LEU A 110 -31.15 10.09 16.48
CA LEU A 110 -32.10 10.80 15.62
C LEU A 110 -32.36 9.69 14.62
N SER A 111 -33.48 9.72 13.92
CA SER A 111 -33.77 8.64 13.00
C SER A 111 -32.98 8.74 11.72
N SER A 112 -32.01 9.66 11.69
CA SER A 112 -31.21 9.92 10.49
C SER A 112 -32.20 10.61 9.58
N SER A 113 -33.31 10.95 10.20
CA SER A 113 -34.40 11.62 9.54
C SER A 113 -34.52 12.99 10.16
N ARG A 114 -33.89 13.16 11.31
CA ARG A 114 -33.91 14.43 12.01
C ARG A 114 -32.88 15.33 11.37
N CYS A 115 -31.99 14.71 10.62
CA CYS A 115 -30.96 15.46 9.95
C CYS A 115 -31.27 15.52 8.48
N ARG A 116 -32.05 14.53 8.02
CA ARG A 116 -32.43 14.47 6.61
C ARG A 116 -32.34 15.86 6.01
N GLN A 117 -31.14 16.18 5.52
CA GLN A 117 -30.85 17.46 4.90
C GLN A 117 -29.47 17.32 4.30
N THR A 118 -28.94 18.41 3.73
CA THR A 118 -27.64 18.37 3.10
C THR A 118 -26.53 18.80 4.04
N SER A 119 -25.50 17.98 4.13
CA SER A 119 -24.37 18.27 4.98
C SER A 119 -23.80 19.61 4.54
N GLU A 120 -23.48 20.47 5.49
CA GLU A 120 -22.93 21.77 5.14
C GLU A 120 -21.52 21.60 4.56
N GLN A 121 -20.71 22.65 4.60
CA GLN A 121 -19.36 22.60 4.05
C GLN A 121 -18.33 22.88 5.14
N CYS A 122 -17.10 22.36 4.97
CA CYS A 122 -16.02 22.54 5.97
C CYS A 122 -15.30 23.89 5.93
N ASN B 1 -23.13 7.75 4.04
CA ASN B 1 -22.00 8.20 4.88
C ASN B 1 -21.73 7.16 5.96
N LEU B 2 -22.32 7.40 7.12
CA LEU B 2 -22.17 6.51 8.25
C LEU B 2 -23.60 6.32 8.75
N PHE B 3 -24.41 7.33 8.45
CA PHE B 3 -25.81 7.33 8.82
C PHE B 3 -26.42 6.25 7.95
N GLN B 4 -25.92 6.19 6.72
CA GLN B 4 -26.37 5.21 5.75
C GLN B 4 -25.81 3.84 6.13
N PHE B 5 -24.49 3.71 6.16
CA PHE B 5 -23.84 2.47 6.52
C PHE B 5 -24.61 1.84 7.65
N ALA B 6 -25.19 2.69 8.49
CA ALA B 6 -25.97 2.22 9.62
C ALA B 6 -27.24 1.57 9.11
N LYS B 7 -28.00 2.35 8.33
CA LYS B 7 -29.23 1.84 7.77
C LYS B 7 -28.84 0.75 6.80
N MET B 8 -27.71 0.93 6.13
CA MET B 8 -27.24 -0.07 5.21
C MET B 8 -27.03 -1.32 6.05
N ILE B 9 -26.62 -1.12 7.30
CA ILE B 9 -26.39 -2.24 8.21
C ILE B 9 -27.74 -2.83 8.61
N ASN B 10 -28.48 -2.09 9.42
CA ASN B 10 -29.80 -2.53 9.84
C ASN B 10 -30.49 -3.31 8.74
N GLY B 11 -30.53 -2.70 7.55
CA GLY B 11 -31.17 -3.32 6.41
C GLY B 11 -30.94 -4.82 6.28
N LYS B 12 -29.69 -5.22 6.08
CA LYS B 12 -29.36 -6.63 5.95
C LYS B 12 -29.08 -7.22 7.33
N LEU B 13 -29.57 -6.54 8.37
CA LEU B 13 -29.33 -7.02 9.72
C LEU B 13 -30.51 -6.98 10.67
N GLY B 14 -31.70 -6.67 10.16
CA GLY B 14 -32.87 -6.67 11.02
C GLY B 14 -32.74 -5.65 12.12
N ALA B 15 -33.06 -4.44 11.70
CA ALA B 15 -33.07 -3.21 12.49
C ALA B 15 -32.63 -3.30 13.97
N PHE B 16 -31.56 -2.60 14.36
CA PHE B 16 -31.08 -2.54 15.77
C PHE B 16 -29.87 -3.41 15.87
N SER B 17 -29.25 -3.58 14.74
CA SER B 17 -28.06 -4.34 14.78
C SER B 17 -26.79 -3.46 14.90
N VAL B 18 -26.89 -2.26 14.34
CA VAL B 18 -25.76 -1.36 14.36
C VAL B 18 -25.30 -1.20 15.78
N TRP B 19 -26.26 -1.36 16.70
CA TRP B 19 -25.98 -1.27 18.12
C TRP B 19 -24.96 -2.31 18.57
N ASN B 20 -24.92 -3.45 17.89
CA ASN B 20 -23.97 -4.48 18.22
C ASN B 20 -22.62 -4.16 17.61
N TYR B 21 -22.54 -3.06 16.86
CA TYR B 21 -21.30 -2.68 16.18
C TYR B 21 -20.82 -1.32 16.63
N ILE B 22 -21.32 -0.94 17.77
CA ILE B 22 -21.02 0.33 18.36
C ILE B 22 -19.58 0.22 18.87
N SER B 23 -19.28 -0.84 19.63
CA SER B 23 -17.93 -1.04 20.14
C SER B 23 -17.66 -2.55 20.28
N TYR B 24 -16.99 -3.07 19.26
CA TYR B 24 -16.62 -4.48 19.19
C TYR B 24 -15.13 -4.51 19.07
N GLY B 25 -14.60 -5.65 18.67
CA GLY B 25 -13.16 -5.86 18.54
C GLY B 25 -12.13 -4.75 18.66
N CYS B 26 -10.99 -4.98 18.04
CA CYS B 26 -9.90 -4.03 18.04
C CYS B 26 -10.13 -3.04 16.94
N TYR B 27 -11.24 -3.18 16.25
CA TYR B 27 -11.46 -2.29 15.16
C TYR B 27 -12.85 -1.78 15.06
N CYS B 28 -13.81 -2.62 15.44
CA CYS B 28 -15.20 -2.23 15.38
C CYS B 28 -15.63 -1.06 16.25
N GLY B 29 -16.54 -0.26 15.69
CA GLY B 29 -17.00 0.90 16.42
C GLY B 29 -15.72 1.57 16.83
N TRP B 30 -15.70 2.13 18.03
CA TRP B 30 -14.50 2.79 18.49
C TRP B 30 -13.37 1.76 18.60
N GLY B 31 -12.24 2.10 18.01
CA GLY B 31 -11.11 1.21 18.07
C GLY B 31 -9.97 1.66 17.18
N GLY B 32 -9.30 0.67 16.60
CA GLY B 32 -8.17 0.93 15.71
C GLY B 32 -6.79 0.55 16.20
N GLN B 33 -6.57 -0.73 16.53
CA GLN B 33 -5.25 -1.14 17.00
C GLN B 33 -5.04 -2.65 17.22
N GLY B 34 -3.80 -3.01 17.58
CA GLY B 34 -3.48 -4.40 17.80
C GLY B 34 -3.88 -5.17 16.56
N THR B 35 -4.35 -6.40 16.73
CA THR B 35 -4.77 -7.20 15.59
C THR B 35 -6.25 -7.56 15.77
N PRO B 36 -6.98 -7.71 14.66
CA PRO B 36 -8.41 -8.04 14.64
C PRO B 36 -8.76 -9.26 15.45
N LYS B 37 -9.25 -9.05 16.66
CA LYS B 37 -9.60 -10.15 17.54
C LYS B 37 -10.60 -11.11 16.91
N ASP B 38 -11.51 -10.59 16.09
CA ASP B 38 -12.52 -11.44 15.46
C ASP B 38 -12.75 -11.14 13.97
N ALA B 39 -13.10 -12.18 13.21
CA ALA B 39 -13.35 -12.05 11.76
C ALA B 39 -14.33 -10.94 11.53
N THR B 40 -15.38 -10.95 12.34
CA THR B 40 -16.39 -9.92 12.29
C THR B 40 -15.64 -8.62 12.55
N ASP B 41 -14.90 -8.56 13.68
CA ASP B 41 -14.10 -7.38 14.01
C ASP B 41 -13.07 -7.13 12.89
N ARG B 42 -12.83 -8.16 12.07
CA ARG B 42 -11.91 -8.02 10.95
C ARG B 42 -12.71 -7.37 9.82
N CYS B 43 -14.00 -7.72 9.74
CA CYS B 43 -14.87 -7.11 8.75
C CYS B 43 -14.59 -5.64 8.95
N CYS B 44 -14.60 -5.21 10.20
CA CYS B 44 -14.32 -3.83 10.49
C CYS B 44 -13.03 -3.38 9.82
N PHE B 45 -11.89 -3.89 10.29
CA PHE B 45 -10.60 -3.52 9.71
C PHE B 45 -10.75 -3.10 8.26
N VAL B 46 -11.13 -4.06 7.44
CA VAL B 46 -11.35 -3.81 6.03
C VAL B 46 -11.97 -2.43 5.92
N HIS B 47 -13.28 -2.37 6.15
CA HIS B 47 -14.02 -1.12 6.08
C HIS B 47 -13.15 0.04 6.49
N ASP B 48 -12.35 -0.14 7.52
CA ASP B 48 -11.53 0.97 7.92
C ASP B 48 -10.51 1.20 6.81
N CYS B 49 -9.88 0.12 6.36
CA CYS B 49 -8.90 0.19 5.28
C CYS B 49 -9.58 0.80 4.08
N CYS B 50 -10.61 0.10 3.63
CA CYS B 50 -11.43 0.48 2.50
C CYS B 50 -11.59 1.98 2.49
N TYR B 51 -11.99 2.54 3.62
CA TYR B 51 -12.11 3.98 3.71
C TYR B 51 -10.70 4.56 3.62
N GLY B 52 -9.84 4.09 4.52
CA GLY B 52 -8.45 4.53 4.58
C GLY B 52 -7.75 4.72 3.24
N ARG B 53 -8.16 3.95 2.25
CA ARG B 53 -7.55 4.05 0.93
C ARG B 53 -8.23 5.12 0.09
N VAL B 54 -9.55 5.23 0.25
CA VAL B 54 -10.36 6.20 -0.50
C VAL B 54 -9.69 7.53 -0.83
N ARG B 55 -9.60 7.79 -2.13
CA ARG B 55 -8.97 8.98 -2.66
C ARG B 55 -9.72 10.31 -2.48
N GLY B 56 -9.08 11.20 -1.73
CA GLY B 56 -9.58 12.54 -1.48
C GLY B 56 -10.84 12.87 -0.73
N CYS B 57 -11.96 12.23 -1.07
CA CYS B 57 -13.21 12.59 -0.41
C CYS B 57 -13.49 11.98 0.96
N ASN B 58 -14.25 12.74 1.75
CA ASN B 58 -14.61 12.38 3.12
C ASN B 58 -15.85 11.53 3.25
N PRO B 59 -15.70 10.33 3.83
CA PRO B 59 -16.75 9.33 4.05
C PRO B 59 -17.68 9.64 5.21
N LYS B 60 -17.12 9.92 6.39
CA LYS B 60 -17.96 10.23 7.55
C LYS B 60 -18.98 11.27 7.12
N LEU B 61 -18.61 12.03 6.11
CA LEU B 61 -19.47 13.08 5.60
C LEU B 61 -19.92 12.88 4.15
N ALA B 62 -19.39 11.85 3.49
CA ALA B 62 -19.75 11.57 2.10
C ALA B 62 -21.20 11.11 2.01
N ILE B 63 -22.00 11.77 1.17
CA ILE B 63 -23.40 11.39 1.01
C ILE B 63 -23.58 10.76 -0.35
N TYR B 64 -24.05 9.52 -0.38
CA TYR B 64 -24.19 8.80 -1.65
C TYR B 64 -25.54 8.24 -2.00
N SER B 65 -25.56 7.60 -3.16
CA SER B 65 -26.73 6.97 -3.71
C SER B 65 -26.62 5.45 -3.53
N TYR B 66 -27.59 4.87 -2.82
CA TYR B 66 -27.63 3.42 -2.57
C TYR B 66 -29.09 2.91 -2.46
N SER B 67 -29.34 1.68 -2.92
CA SER B 67 -30.69 1.10 -2.87
C SER B 67 -30.75 -0.30 -2.24
N PHE B 68 -31.96 -0.86 -2.18
CA PHE B 68 -32.18 -2.17 -1.57
C PHE B 68 -33.16 -3.10 -2.32
N LYS B 69 -32.97 -3.22 -3.63
CA LYS B 69 -33.82 -4.06 -4.47
C LYS B 69 -34.05 -5.43 -3.83
N LYS B 70 -35.34 -5.76 -3.64
CA LYS B 70 -35.76 -7.01 -3.03
C LYS B 70 -34.95 -7.25 -1.77
N GLY B 71 -35.19 -6.41 -0.76
CA GLY B 71 -34.48 -6.53 0.50
C GLY B 71 -32.98 -6.77 0.38
N ASN B 72 -32.41 -6.52 -0.81
CA ASN B 72 -30.98 -6.73 -1.01
C ASN B 72 -30.21 -5.49 -1.41
N ILE B 73 -28.97 -5.41 -0.93
CA ILE B 73 -28.07 -4.28 -1.17
C ILE B 73 -27.62 -4.02 -2.61
N VAL B 74 -27.67 -2.75 -3.01
CA VAL B 74 -27.24 -2.32 -4.34
C VAL B 74 -26.85 -0.84 -4.33
N CYS B 75 -25.61 -0.58 -4.75
CA CYS B 75 -25.10 0.78 -4.80
C CYS B 75 -25.40 1.48 -6.11
N GLY B 76 -25.84 2.73 -6.01
CA GLY B 76 -26.16 3.49 -7.20
C GLY B 76 -25.00 3.76 -8.13
N LYS B 77 -25.08 4.91 -8.81
CA LYS B 77 -24.07 5.35 -9.78
C LYS B 77 -22.68 4.76 -9.51
N ASN B 78 -22.04 4.30 -10.57
CA ASN B 78 -20.69 3.72 -10.50
C ASN B 78 -19.62 4.73 -10.89
N ASN B 79 -19.81 5.98 -10.45
CA ASN B 79 -18.88 7.06 -10.73
C ASN B 79 -18.62 7.87 -9.46
N GLY B 80 -17.34 8.13 -9.21
CA GLY B 80 -16.95 8.91 -8.04
C GLY B 80 -16.46 8.09 -6.85
N CYS B 81 -15.78 8.77 -5.94
CA CYS B 81 -15.27 8.13 -4.74
C CYS B 81 -16.49 7.49 -4.10
N LEU B 82 -17.66 8.08 -4.35
CA LEU B 82 -18.92 7.57 -3.82
C LEU B 82 -19.13 6.14 -4.25
N ARG B 83 -18.67 5.81 -5.44
CA ARG B 83 -18.80 4.45 -5.92
C ARG B 83 -18.13 3.64 -4.81
N ASP B 84 -16.89 4.04 -4.55
CA ASP B 84 -16.03 3.42 -3.57
C ASP B 84 -16.68 3.34 -2.18
N ILE B 85 -16.96 4.48 -1.58
CA ILE B 85 -17.57 4.53 -0.25
C ILE B 85 -18.73 3.55 -0.14
N CYS B 86 -19.76 3.78 -0.94
CA CYS B 86 -20.92 2.93 -0.92
C CYS B 86 -20.50 1.48 -0.98
N GLU B 87 -19.29 1.25 -1.47
CA GLU B 87 -18.86 -0.13 -1.55
C GLU B 87 -18.54 -0.74 -0.20
N CYS B 88 -17.65 -0.08 0.54
CA CYS B 88 -17.25 -0.55 1.87
C CYS B 88 -18.48 -0.97 2.63
N ASP B 89 -19.26 0.04 2.99
CA ASP B 89 -20.50 -0.19 3.69
C ASP B 89 -21.20 -1.44 3.16
N ARG B 90 -21.54 -1.45 1.87
CA ARG B 90 -22.20 -2.62 1.29
C ARG B 90 -21.44 -3.80 1.84
N VAL B 91 -20.30 -4.08 1.23
CA VAL B 91 -19.46 -5.18 1.67
C VAL B 91 -19.53 -5.31 3.17
N ALA B 92 -18.99 -4.31 3.84
CA ALA B 92 -18.96 -4.26 5.29
C ALA B 92 -20.28 -4.80 5.78
N ALA B 93 -21.29 -3.96 5.73
CA ALA B 93 -22.63 -4.34 6.15
C ALA B 93 -22.82 -5.82 5.86
N ASN B 94 -22.37 -6.25 4.69
CA ASN B 94 -22.49 -7.63 4.26
C ASN B 94 -21.53 -8.56 5.01
N CYS B 95 -20.25 -8.24 4.95
CA CYS B 95 -19.24 -9.04 5.63
C CYS B 95 -19.81 -9.40 6.99
N PHE B 96 -20.62 -8.49 7.53
CA PHE B 96 -21.28 -8.68 8.81
C PHE B 96 -22.07 -9.97 8.75
N HIS B 97 -23.16 -9.91 8.01
CA HIS B 97 -24.01 -11.07 7.82
C HIS B 97 -23.12 -12.30 7.56
N GLN B 98 -21.98 -12.09 6.92
CA GLN B 98 -21.05 -13.19 6.60
C GLN B 98 -20.48 -13.88 7.83
N ASN B 99 -20.53 -13.21 8.97
CA ASN B 99 -19.98 -13.77 10.19
C ASN B 99 -20.80 -13.44 11.44
N LYS B 100 -22.07 -13.16 11.24
CA LYS B 100 -22.95 -12.83 12.36
C LYS B 100 -23.03 -14.01 13.33
N ASN B 101 -22.72 -15.19 12.83
CA ASN B 101 -22.74 -16.42 13.61
C ASN B 101 -21.54 -16.52 14.56
N THR B 102 -20.46 -15.85 14.20
CA THR B 102 -19.26 -15.86 15.01
C THR B 102 -19.13 -14.57 15.81
N TYR B 103 -20.23 -14.14 16.41
CA TYR B 103 -20.23 -12.92 17.21
C TYR B 103 -20.07 -13.21 18.71
N ASN B 104 -19.07 -12.57 19.30
CA ASN B 104 -18.77 -12.76 20.71
C ASN B 104 -19.13 -11.55 21.58
N LYS B 105 -20.28 -11.61 22.25
CA LYS B 105 -20.70 -10.52 23.12
C LYS B 105 -19.50 -10.19 24.01
N ASN B 106 -18.87 -11.25 24.52
CA ASN B 106 -17.70 -11.12 25.39
C ASN B 106 -16.62 -10.26 24.76
N TYR B 107 -16.84 -9.83 23.52
CA TYR B 107 -15.91 -8.98 22.78
C TYR B 107 -16.44 -7.55 22.69
N LYS B 108 -17.52 -7.30 23.43
CA LYS B 108 -18.16 -5.98 23.43
C LYS B 108 -17.50 -4.97 24.37
N PHE B 109 -17.27 -3.77 23.85
CA PHE B 109 -16.68 -2.69 24.63
C PHE B 109 -15.41 -3.18 25.31
N LEU B 110 -14.48 -3.72 24.52
CA LEU B 110 -13.26 -4.23 25.11
C LEU B 110 -12.41 -3.08 25.59
N SER B 111 -11.21 -3.38 26.06
CA SER B 111 -10.32 -2.32 26.53
C SER B 111 -9.00 -2.28 25.76
N SER B 112 -8.48 -1.07 25.58
CA SER B 112 -7.20 -0.86 24.90
C SER B 112 -6.26 -2.04 25.16
N SER B 113 -5.86 -2.17 26.42
CA SER B 113 -4.96 -3.22 26.85
C SER B 113 -5.35 -4.57 26.25
N ARG B 114 -6.46 -4.60 25.53
CA ARG B 114 -6.86 -5.83 24.87
C ARG B 114 -6.13 -5.86 23.54
N CYS B 115 -6.02 -4.69 22.92
CA CYS B 115 -5.38 -4.60 21.62
C CYS B 115 -4.03 -3.90 21.61
N ARG B 116 -3.50 -3.62 22.80
CA ARG B 116 -2.22 -2.92 22.89
C ARG B 116 -1.12 -3.44 21.97
N GLN B 117 -1.26 -4.66 21.47
CA GLN B 117 -0.25 -5.27 20.61
C GLN B 117 0.05 -4.44 19.36
N THR B 118 1.11 -4.83 18.66
CA THR B 118 1.53 -4.15 17.43
C THR B 118 0.35 -4.08 16.48
N SER B 119 0.32 -3.00 15.71
CA SER B 119 -0.73 -2.80 14.73
C SER B 119 -0.67 -3.92 13.71
N GLU B 120 -1.57 -3.86 12.73
CA GLU B 120 -1.63 -4.84 11.67
C GLU B 120 -2.05 -4.11 10.40
N GLN B 121 -1.12 -4.03 9.43
CA GLN B 121 -1.32 -3.31 8.18
C GLN B 121 -2.48 -3.72 7.27
N CYS B 122 -2.95 -2.74 6.51
CA CYS B 122 -4.02 -2.92 5.55
C CYS B 122 -3.36 -3.29 4.22
N ASN C 1 6.89 -10.07 -11.26
CA ASN C 1 8.11 -9.58 -10.56
C ASN C 1 9.16 -10.67 -10.54
N LEU C 2 10.41 -10.25 -10.67
CA LEU C 2 11.54 -11.15 -10.72
C LEU C 2 11.35 -12.17 -9.65
N PHE C 3 10.52 -11.85 -8.66
CA PHE C 3 10.23 -12.78 -7.58
C PHE C 3 9.60 -14.00 -8.20
N GLN C 4 8.52 -13.79 -8.94
CA GLN C 4 7.82 -14.87 -9.61
C GLN C 4 8.78 -15.54 -10.58
N PHE C 5 9.54 -14.72 -11.30
CA PHE C 5 10.46 -15.23 -12.29
C PHE C 5 11.49 -16.21 -11.76
N ALA C 6 12.01 -15.94 -10.56
CA ALA C 6 13.01 -16.82 -10.00
C ALA C 6 12.46 -18.22 -9.77
N LYS C 7 11.64 -18.35 -8.75
CA LYS C 7 11.03 -19.63 -8.40
C LYS C 7 10.62 -20.35 -9.69
N MET C 8 10.28 -19.57 -10.71
CA MET C 8 9.92 -20.11 -12.01
C MET C 8 11.21 -20.79 -12.41
N ILE C 9 12.22 -19.97 -12.68
CA ILE C 9 13.54 -20.48 -13.01
C ILE C 9 13.87 -21.63 -12.10
N ASN C 10 13.77 -21.39 -10.80
CA ASN C 10 14.06 -22.45 -9.86
C ASN C 10 12.81 -23.30 -9.75
N GLY C 11 12.51 -23.93 -10.88
CA GLY C 11 11.37 -24.80 -11.00
C GLY C 11 11.60 -25.62 -12.24
N LYS C 12 12.16 -24.98 -13.27
CA LYS C 12 12.43 -25.65 -14.53
C LYS C 12 13.90 -26.05 -14.71
N LEU C 13 14.83 -25.19 -14.29
CA LEU C 13 16.25 -25.53 -14.40
C LEU C 13 16.76 -25.97 -13.05
N GLY C 14 15.83 -26.25 -12.13
CA GLY C 14 16.20 -26.70 -10.80
C GLY C 14 16.04 -25.66 -9.70
N ALA C 15 17.02 -25.62 -8.79
CA ALA C 15 17.01 -24.69 -7.67
C ALA C 15 18.36 -24.01 -7.68
N PHE C 16 18.45 -22.80 -7.09
CA PHE C 16 19.71 -22.10 -7.01
C PHE C 16 20.14 -21.70 -8.40
N SER C 17 19.47 -22.22 -9.42
CA SER C 17 19.92 -21.91 -10.79
C SER C 17 19.82 -20.41 -11.05
N VAL C 18 18.73 -19.79 -10.58
CA VAL C 18 18.51 -18.38 -10.76
C VAL C 18 19.82 -17.63 -10.62
N TRP C 19 20.65 -18.09 -9.69
CA TRP C 19 21.91 -17.45 -9.44
C TRP C 19 22.89 -17.55 -10.60
N ASN C 20 22.80 -18.64 -11.32
CA ASN C 20 23.67 -18.83 -12.45
C ASN C 20 23.35 -17.68 -13.39
N TYR C 21 22.21 -17.05 -13.13
CA TYR C 21 21.74 -15.95 -13.96
C TYR C 21 21.77 -14.58 -13.33
N ILE C 22 22.23 -14.49 -12.09
CA ILE C 22 22.32 -13.19 -11.44
C ILE C 22 23.09 -12.30 -12.40
N SER C 23 24.04 -12.92 -13.09
CA SER C 23 24.87 -12.24 -14.09
C SER C 23 25.38 -13.31 -15.05
N TYR C 24 25.58 -12.90 -16.30
CA TYR C 24 26.06 -13.78 -17.37
C TYR C 24 25.54 -13.20 -18.67
N GLY C 25 26.27 -13.44 -19.74
CA GLY C 25 25.87 -12.92 -21.04
C GLY C 25 25.83 -11.39 -21.09
N CYS C 26 25.63 -10.86 -22.29
CA CYS C 26 25.56 -9.42 -22.47
C CYS C 26 24.19 -8.89 -22.00
N TYR C 27 23.24 -9.80 -21.80
CA TYR C 27 21.92 -9.36 -21.39
C TYR C 27 21.34 -10.03 -20.15
N CYS C 28 21.89 -11.17 -19.78
CA CYS C 28 21.38 -11.82 -18.60
C CYS C 28 21.89 -11.05 -17.42
N GLY C 29 21.20 -11.19 -16.29
CA GLY C 29 21.58 -10.48 -15.09
C GLY C 29 21.49 -8.98 -15.33
N TRP C 30 22.56 -8.29 -14.98
CA TRP C 30 22.63 -6.84 -15.15
C TRP C 30 23.31 -6.57 -16.48
N GLY C 31 22.90 -5.48 -17.13
CA GLY C 31 23.50 -5.10 -18.40
C GLY C 31 22.86 -5.72 -19.63
N GLY C 32 22.88 -4.98 -20.73
CA GLY C 32 22.30 -5.46 -21.97
C GLY C 32 22.58 -4.49 -23.11
N GLN C 33 23.69 -4.72 -23.81
CA GLN C 33 24.10 -3.86 -24.91
C GLN C 33 24.97 -4.65 -25.88
N GLY C 34 24.76 -4.44 -27.18
CA GLY C 34 25.56 -5.12 -28.18
C GLY C 34 25.06 -6.44 -28.70
N THR C 35 25.91 -7.45 -28.58
CA THR C 35 25.60 -8.78 -29.09
C THR C 35 25.73 -9.91 -28.05
N PRO C 36 24.71 -10.79 -28.00
CA PRO C 36 24.59 -11.96 -27.11
C PRO C 36 25.67 -13.00 -27.37
N LYS C 37 26.82 -12.82 -26.73
CA LYS C 37 27.94 -13.73 -26.93
C LYS C 37 27.54 -15.21 -27.08
N ASP C 38 26.32 -15.55 -26.69
CA ASP C 38 25.83 -16.93 -26.82
C ASP C 38 24.32 -16.90 -26.79
N ALA C 39 23.70 -18.08 -26.97
CA ALA C 39 22.24 -18.22 -27.00
C ALA C 39 21.45 -18.19 -25.69
N THR C 40 22.08 -18.54 -24.57
CA THR C 40 21.39 -18.50 -23.28
C THR C 40 21.24 -17.01 -22.98
N ASP C 41 22.37 -16.31 -23.06
CA ASP C 41 22.39 -14.87 -22.84
C ASP C 41 21.25 -14.23 -23.65
N ARG C 42 21.03 -14.75 -24.85
CA ARG C 42 20.01 -14.24 -25.73
C ARG C 42 18.63 -14.49 -25.19
N CYS C 43 18.45 -15.60 -24.48
CA CYS C 43 17.13 -15.90 -23.89
C CYS C 43 16.72 -14.60 -23.27
N CYS C 44 17.59 -14.12 -22.40
CA CYS C 44 17.42 -12.88 -21.70
C CYS C 44 17.02 -11.81 -22.71
N PHE C 45 17.90 -11.57 -23.68
CA PHE C 45 17.65 -10.59 -24.71
C PHE C 45 16.22 -10.68 -25.19
N VAL C 46 15.86 -11.86 -25.66
CA VAL C 46 14.51 -12.12 -26.14
C VAL C 46 13.52 -11.74 -25.06
N HIS C 47 13.84 -12.14 -23.82
CA HIS C 47 13.06 -11.85 -22.64
C HIS C 47 12.94 -10.35 -22.62
N ASP C 48 14.10 -9.72 -22.56
CA ASP C 48 14.20 -8.28 -22.56
C ASP C 48 13.25 -7.61 -23.56
N CYS C 49 13.11 -8.20 -24.75
CA CYS C 49 12.23 -7.61 -25.76
C CYS C 49 10.79 -7.83 -25.34
N CYS C 50 10.53 -9.05 -24.90
CA CYS C 50 9.21 -9.42 -24.45
C CYS C 50 8.78 -8.38 -23.44
N TYR C 51 9.59 -8.18 -22.40
CA TYR C 51 9.28 -7.21 -21.35
C TYR C 51 9.16 -5.86 -22.03
N GLY C 52 10.08 -5.60 -22.96
CA GLY C 52 10.08 -4.32 -23.65
C GLY C 52 8.78 -4.07 -24.38
N ARG C 53 8.33 -5.06 -25.12
CA ARG C 53 7.10 -4.94 -25.87
C ARG C 53 5.94 -4.66 -24.91
N VAL C 54 5.62 -5.65 -24.09
CA VAL C 54 4.53 -5.51 -23.15
C VAL C 54 4.35 -4.08 -22.68
N ARG C 55 3.20 -3.55 -23.03
CA ARG C 55 2.80 -2.20 -22.65
C ARG C 55 1.62 -2.50 -21.76
N GLY C 56 1.68 -2.01 -20.53
CA GLY C 56 0.58 -2.27 -19.63
C GLY C 56 0.98 -2.13 -18.18
N CYS C 57 2.00 -2.86 -17.75
CA CYS C 57 2.42 -2.73 -16.37
C CYS C 57 3.85 -3.17 -16.05
N ASN C 58 4.52 -2.36 -15.21
CA ASN C 58 5.92 -2.58 -14.81
C ASN C 58 6.25 -4.00 -14.40
N PRO C 59 6.82 -4.76 -15.32
CA PRO C 59 7.22 -6.15 -15.09
C PRO C 59 7.74 -6.30 -13.67
N LYS C 60 8.87 -5.66 -13.42
CA LYS C 60 9.46 -5.73 -12.10
C LYS C 60 8.40 -5.66 -11.02
N LEU C 61 7.51 -4.68 -11.12
CA LEU C 61 6.48 -4.50 -10.09
C LEU C 61 5.17 -5.19 -10.38
N ALA C 62 5.01 -5.61 -11.62
CA ALA C 62 3.81 -6.28 -12.02
C ALA C 62 3.63 -7.56 -11.19
N ILE C 63 2.43 -8.07 -11.08
CA ILE C 63 2.23 -9.30 -10.32
C ILE C 63 1.03 -10.13 -10.79
N TYR C 64 1.34 -11.24 -11.46
CA TYR C 64 0.33 -12.16 -11.99
C TYR C 64 0.22 -13.43 -11.15
N SER C 65 -0.45 -14.43 -11.72
CA SER C 65 -0.66 -15.72 -11.06
C SER C 65 -0.21 -16.80 -12.01
N TYR C 66 -0.07 -18.01 -11.49
CA TYR C 66 0.40 -19.15 -12.27
C TYR C 66 0.81 -20.27 -11.31
N SER C 67 1.15 -21.42 -11.86
CA SER C 67 1.59 -22.57 -11.06
C SER C 67 2.22 -23.61 -11.96
N PHE C 68 3.07 -24.47 -11.38
CA PHE C 68 3.75 -25.50 -12.14
C PHE C 68 2.89 -26.74 -12.41
N LYS C 69 3.03 -27.31 -13.61
CA LYS C 69 2.30 -28.51 -14.02
C LYS C 69 3.18 -29.75 -13.96
N LYS C 70 3.62 -30.08 -12.75
CA LYS C 70 4.46 -31.25 -12.49
C LYS C 70 5.77 -31.20 -13.26
N GLY C 71 5.80 -30.43 -14.36
CA GLY C 71 6.98 -30.30 -15.18
C GLY C 71 7.12 -28.92 -15.78
N ASN C 72 6.54 -28.71 -16.97
CA ASN C 72 6.61 -27.42 -17.62
C ASN C 72 6.01 -26.33 -16.73
N ILE C 73 6.25 -25.08 -17.12
CA ILE C 73 5.76 -23.91 -16.40
C ILE C 73 4.52 -23.45 -17.16
N VAL C 74 3.40 -23.26 -16.47
CA VAL C 74 2.19 -22.83 -17.15
C VAL C 74 1.43 -21.72 -16.45
N CYS C 75 1.24 -20.59 -17.13
CA CYS C 75 0.52 -19.44 -16.58
C CYS C 75 -0.96 -19.82 -16.41
N GLY C 76 -1.82 -18.88 -15.99
CA GLY C 76 -3.22 -19.26 -15.79
C GLY C 76 -4.37 -18.28 -15.93
N LYS C 77 -4.50 -17.67 -17.09
CA LYS C 77 -5.57 -16.71 -17.34
C LYS C 77 -5.49 -15.45 -16.47
N ASN C 78 -4.85 -14.42 -17.03
CA ASN C 78 -4.69 -13.12 -16.38
C ASN C 78 -5.20 -12.00 -17.28
N ASN C 79 -5.12 -10.76 -16.84
CA ASN C 79 -5.61 -9.64 -17.63
C ASN C 79 -4.54 -8.79 -18.33
N GLY C 80 -4.32 -9.07 -19.62
CA GLY C 80 -3.36 -8.31 -20.41
C GLY C 80 -1.91 -8.27 -20.00
N CYS C 81 -1.38 -7.07 -19.75
CA CYS C 81 0.02 -6.94 -19.34
C CYS C 81 0.22 -7.95 -18.23
N LEU C 82 -0.63 -7.84 -17.19
CA LEU C 82 -0.59 -8.74 -16.03
C LEU C 82 -0.61 -10.22 -16.42
N ARG C 83 -0.29 -10.48 -17.68
CA ARG C 83 -0.25 -11.83 -18.22
C ARG C 83 0.90 -11.94 -19.22
N ASP C 84 0.90 -11.04 -20.23
CA ASP C 84 1.93 -11.00 -21.27
C ASP C 84 3.31 -11.18 -20.63
N ILE C 85 3.40 -10.75 -19.38
CA ILE C 85 4.60 -10.85 -18.63
C ILE C 85 4.80 -12.33 -18.35
N CYS C 86 3.84 -12.92 -17.66
CA CYS C 86 3.95 -14.33 -17.35
C CYS C 86 4.49 -15.06 -18.55
N GLU C 87 4.00 -14.64 -19.71
CA GLU C 87 4.45 -15.22 -20.97
C GLU C 87 5.95 -15.12 -21.04
N CYS C 88 6.42 -13.88 -21.00
CA CYS C 88 7.84 -13.62 -21.05
C CYS C 88 8.51 -14.57 -20.10
N ASP C 89 8.40 -14.29 -18.81
CA ASP C 89 9.02 -15.13 -17.83
C ASP C 89 8.86 -16.61 -18.13
N ARG C 90 7.64 -17.05 -18.46
CA ARG C 90 7.41 -18.47 -18.79
C ARG C 90 8.32 -18.91 -19.93
N VAL C 91 8.08 -18.31 -21.09
CA VAL C 91 8.88 -18.60 -22.25
C VAL C 91 10.34 -18.43 -21.89
N ALA C 92 10.66 -17.23 -21.43
CA ALA C 92 12.01 -16.89 -21.04
C ALA C 92 12.63 -18.09 -20.34
N ALA C 93 12.14 -18.36 -19.13
CA ALA C 93 12.61 -19.48 -18.33
C ALA C 93 12.83 -20.72 -19.21
N ASN C 94 11.78 -21.19 -19.89
CA ASN C 94 11.89 -22.36 -20.77
C ASN C 94 13.06 -22.12 -21.74
N CYS C 95 13.06 -20.95 -22.38
CA CYS C 95 14.12 -20.59 -23.32
C CYS C 95 15.43 -21.00 -22.67
N PHE C 96 15.59 -20.60 -21.42
CA PHE C 96 16.78 -20.93 -20.68
C PHE C 96 17.09 -22.39 -20.61
N HIS C 97 16.19 -23.15 -19.99
CA HIS C 97 16.40 -24.57 -19.84
C HIS C 97 16.88 -25.24 -21.11
N GLN C 98 16.14 -25.00 -22.20
CA GLN C 98 16.47 -25.58 -23.50
C GLN C 98 17.94 -25.38 -23.88
N ASN C 99 18.56 -24.34 -23.34
CA ASN C 99 19.94 -24.05 -23.67
C ASN C 99 20.83 -24.37 -22.48
N LYS C 100 20.24 -25.02 -21.49
CA LYS C 100 20.98 -25.38 -20.31
C LYS C 100 22.30 -25.99 -20.78
N ASN C 101 22.22 -27.00 -21.63
CA ASN C 101 23.42 -27.67 -22.13
C ASN C 101 24.32 -26.71 -22.91
N THR C 102 23.70 -25.97 -23.83
CA THR C 102 24.43 -25.02 -24.64
C THR C 102 24.96 -23.91 -23.74
N TYR C 103 25.53 -24.29 -22.61
CA TYR C 103 26.04 -23.31 -21.69
C TYR C 103 27.53 -23.11 -21.74
N ASN C 104 27.96 -21.95 -21.27
CA ASN C 104 29.36 -21.58 -21.24
C ASN C 104 29.58 -20.79 -19.94
N LYS C 105 29.78 -21.52 -18.84
CA LYS C 105 30.01 -20.93 -17.52
C LYS C 105 31.17 -19.95 -17.53
N ASN C 106 31.60 -19.58 -18.74
CA ASN C 106 32.71 -18.66 -18.91
C ASN C 106 32.19 -17.24 -19.01
N TYR C 107 31.19 -17.03 -19.85
CA TYR C 107 30.61 -15.71 -20.06
C TYR C 107 30.05 -15.15 -18.76
N LYS C 108 30.11 -15.95 -17.70
CA LYS C 108 29.63 -15.54 -16.39
C LYS C 108 30.27 -14.21 -15.98
N PHE C 109 29.52 -13.36 -15.28
CA PHE C 109 30.03 -12.06 -14.83
C PHE C 109 31.05 -11.43 -15.74
N LEU C 110 30.60 -10.64 -16.70
CA LEU C 110 31.57 -10.01 -17.60
C LEU C 110 31.91 -8.61 -17.12
N SER C 111 32.33 -7.78 -18.08
CA SER C 111 32.64 -6.37 -17.84
C SER C 111 32.16 -5.71 -19.11
N SER C 112 31.42 -4.61 -18.94
CA SER C 112 30.82 -3.86 -20.05
C SER C 112 31.63 -3.77 -21.32
N SER C 113 32.95 -3.85 -21.17
CA SER C 113 33.86 -3.78 -22.31
C SER C 113 33.59 -4.85 -23.35
N ARG C 114 33.35 -6.08 -22.88
CA ARG C 114 33.12 -7.19 -23.79
C ARG C 114 31.90 -7.07 -24.69
N CYS C 115 31.02 -6.13 -24.40
CA CYS C 115 29.83 -5.97 -25.24
C CYS C 115 29.74 -4.59 -25.83
N ARG C 116 30.72 -4.24 -26.65
CA ARG C 116 30.73 -2.94 -27.30
C ARG C 116 30.08 -3.14 -28.66
N GLN C 117 29.75 -4.40 -28.95
CA GLN C 117 29.13 -4.74 -30.23
C GLN C 117 27.83 -3.99 -30.54
N THR C 118 27.30 -4.24 -31.74
CA THR C 118 26.07 -3.62 -32.20
C THR C 118 24.91 -3.93 -31.25
N SER C 119 24.51 -2.93 -30.49
CA SER C 119 23.43 -3.07 -29.53
C SER C 119 22.20 -3.75 -30.13
N GLU C 120 21.49 -3.04 -31.00
CA GLU C 120 20.28 -3.58 -31.64
C GLU C 120 19.07 -3.59 -30.70
N GLN C 121 18.37 -2.45 -30.57
CA GLN C 121 17.19 -2.43 -29.71
C GLN C 121 16.21 -3.48 -30.22
N CYS C 122 15.05 -3.60 -29.58
CA CYS C 122 14.07 -4.61 -29.99
C CYS C 122 13.24 -4.21 -31.20
N ASN D 1 21.80 2.19 -18.91
CA ASN D 1 20.91 1.10 -18.42
C ASN D 1 21.47 0.43 -17.18
N LEU D 2 21.27 -0.88 -17.07
CA LEU D 2 21.78 -1.60 -15.91
C LEU D 2 23.27 -1.68 -15.94
N PHE D 3 23.80 -2.12 -17.08
CA PHE D 3 25.23 -2.24 -17.26
C PHE D 3 25.86 -0.93 -16.77
N GLN D 4 25.08 0.14 -16.90
CA GLN D 4 25.51 1.45 -16.49
C GLN D 4 25.02 1.73 -15.08
N PHE D 5 23.79 1.32 -14.80
CA PHE D 5 23.20 1.50 -13.50
C PHE D 5 24.16 0.96 -12.43
N ALA D 6 24.97 -0.02 -12.85
CA ALA D 6 25.98 -0.67 -12.00
C ALA D 6 27.24 0.19 -11.85
N LYS D 7 27.98 0.31 -12.95
CA LYS D 7 29.18 1.14 -12.96
C LYS D 7 28.79 2.35 -12.15
N MET D 8 27.54 2.79 -12.34
CA MET D 8 27.02 3.91 -11.61
C MET D 8 27.09 3.52 -10.13
N ILE D 9 26.36 2.47 -9.74
CA ILE D 9 26.39 2.05 -8.34
C ILE D 9 27.82 1.98 -7.83
N ASN D 10 28.56 0.99 -8.32
CA ASN D 10 29.94 0.83 -7.90
C ASN D 10 30.66 2.16 -7.94
N GLY D 11 30.81 2.73 -9.13
CA GLY D 11 31.48 4.01 -9.28
C GLY D 11 31.24 4.97 -8.13
N LYS D 12 29.98 5.22 -7.79
CA LYS D 12 29.68 6.15 -6.72
C LYS D 12 29.78 5.54 -5.32
N LEU D 13 29.71 4.22 -5.24
CA LEU D 13 29.80 3.56 -3.95
C LEU D 13 31.05 2.70 -3.78
N GLY D 14 32.07 2.95 -4.60
CA GLY D 14 33.29 2.18 -4.51
C GLY D 14 32.97 0.79 -5.03
N ALA D 15 33.68 0.38 -6.07
CA ALA D 15 33.44 -0.92 -6.68
C ALA D 15 33.02 -2.02 -5.72
N PHE D 16 32.42 -3.05 -6.29
CA PHE D 16 31.95 -4.21 -5.54
C PHE D 16 30.61 -3.92 -4.90
N SER D 17 30.24 -2.65 -4.82
CA SER D 17 28.98 -2.30 -4.23
C SER D 17 27.81 -3.05 -4.86
N VAL D 18 27.53 -2.74 -6.13
CA VAL D 18 26.44 -3.39 -6.85
C VAL D 18 25.96 -4.69 -6.21
N TRP D 19 26.86 -5.65 -6.10
CA TRP D 19 26.53 -6.94 -5.53
C TRP D 19 25.63 -6.97 -4.31
N ASN D 20 25.95 -6.15 -3.31
CA ASN D 20 25.16 -6.12 -2.10
C ASN D 20 23.72 -5.87 -2.53
N TYR D 21 23.62 -5.08 -3.59
CA TYR D 21 22.34 -4.66 -4.17
C TYR D 21 21.77 -5.62 -5.21
N ILE D 22 22.46 -6.71 -5.45
CA ILE D 22 21.99 -7.71 -6.39
C ILE D 22 20.66 -8.24 -5.89
N SER D 23 20.55 -8.38 -4.56
CA SER D 23 19.33 -8.87 -3.92
C SER D 23 19.25 -8.38 -2.48
N TYR D 24 18.34 -7.45 -2.25
CA TYR D 24 18.12 -6.83 -0.95
C TYR D 24 16.67 -6.39 -0.81
N GLY D 25 16.26 -6.12 0.43
CA GLY D 25 14.88 -5.72 0.66
C GLY D 25 13.91 -6.61 -0.10
N CYS D 26 12.68 -6.15 -0.24
CA CYS D 26 11.70 -6.91 -0.99
C CYS D 26 11.72 -6.41 -2.44
N TYR D 27 12.20 -5.19 -2.65
CA TYR D 27 12.19 -4.66 -4.00
C TYR D 27 13.55 -4.63 -4.63
N CYS D 28 14.59 -4.63 -3.82
CA CYS D 28 15.93 -4.63 -4.39
C CYS D 28 16.22 -5.95 -5.09
N GLY D 29 16.98 -5.86 -6.17
CA GLY D 29 17.36 -7.06 -6.90
C GLY D 29 16.32 -7.71 -7.77
N TRP D 30 15.69 -8.76 -7.25
CA TRP D 30 14.68 -9.46 -8.01
C TRP D 30 13.33 -9.27 -7.34
N GLY D 31 13.22 -8.17 -6.60
CA GLY D 31 11.99 -7.88 -5.92
C GLY D 31 10.77 -7.87 -6.82
N GLY D 32 9.72 -7.23 -6.30
CA GLY D 32 8.47 -7.12 -7.03
C GLY D 32 7.23 -7.04 -6.14
N GLN D 33 7.27 -7.67 -4.95
CA GLN D 33 6.12 -7.66 -4.04
C GLN D 33 6.37 -7.02 -2.66
N GLY D 34 5.63 -7.48 -1.65
CA GLY D 34 5.77 -6.97 -0.28
C GLY D 34 5.81 -5.47 -0.08
N THR D 35 6.30 -5.04 1.08
CA THR D 35 6.42 -3.62 1.41
C THR D 35 7.89 -3.29 1.68
N PRO D 36 8.33 -2.09 1.27
CA PRO D 36 9.73 -1.62 1.45
C PRO D 36 10.33 -2.06 2.77
N LYS D 37 11.14 -3.10 2.75
CA LYS D 37 11.73 -3.55 3.99
C LYS D 37 12.39 -2.40 4.70
N ASP D 38 13.12 -1.57 3.97
CA ASP D 38 13.78 -0.40 4.57
C ASP D 38 14.24 0.64 3.55
N ALA D 39 14.47 1.86 4.03
CA ALA D 39 14.89 3.01 3.22
C ALA D 39 15.74 2.61 2.05
N THR D 40 16.70 1.75 2.33
CA THR D 40 17.61 1.27 1.31
C THR D 40 16.78 0.57 0.25
N ASP D 41 16.12 -0.50 0.66
CA ASP D 41 15.27 -1.24 -0.25
C ASP D 41 14.29 -0.25 -0.88
N ARG D 42 13.72 0.61 -0.05
CA ARG D 42 12.79 1.63 -0.52
C ARG D 42 13.43 2.23 -1.76
N CYS D 43 14.71 2.56 -1.64
CA CYS D 43 15.47 3.13 -2.74
C CYS D 43 15.15 2.42 -4.04
N CYS D 44 15.24 1.10 -4.01
CA CYS D 44 14.95 0.29 -5.18
C CYS D 44 13.57 0.62 -5.75
N PHE D 45 12.57 0.53 -4.88
CA PHE D 45 11.20 0.80 -5.24
C PHE D 45 11.12 1.96 -6.21
N VAL D 46 11.41 3.15 -5.71
CA VAL D 46 11.38 4.33 -6.55
C VAL D 46 11.89 3.90 -7.91
N HIS D 47 13.21 3.74 -7.98
CA HIS D 47 13.85 3.35 -9.20
C HIS D 47 12.86 2.59 -10.04
N ASP D 48 12.35 1.52 -9.46
CA ASP D 48 11.42 0.72 -10.20
C ASP D 48 10.25 1.47 -10.76
N CYS D 49 9.49 2.14 -9.90
CA CYS D 49 8.35 2.91 -10.37
C CYS D 49 8.95 3.80 -11.42
N CYS D 50 10.09 4.36 -11.02
CA CYS D 50 10.85 5.25 -11.87
C CYS D 50 11.00 4.61 -13.25
N TYR D 51 11.51 3.38 -13.28
CA TYR D 51 11.67 2.68 -14.54
C TYR D 51 10.31 2.45 -15.21
N GLY D 52 9.26 2.38 -14.40
CA GLY D 52 7.92 2.14 -14.92
C GLY D 52 7.26 3.36 -15.54
N ARG D 53 7.32 4.47 -14.80
CA ARG D 53 6.76 5.74 -15.23
C ARG D 53 7.30 6.07 -16.62
N VAL D 54 8.43 5.47 -16.96
CA VAL D 54 9.06 5.70 -18.27
C VAL D 54 8.25 5.04 -19.39
N ARG D 55 8.02 5.80 -20.46
CA ARG D 55 7.30 5.33 -21.63
C ARG D 55 8.13 5.71 -22.87
N GLY D 56 8.64 4.71 -23.61
CA GLY D 56 9.44 5.03 -24.77
C GLY D 56 10.74 4.24 -24.91
N CYS D 57 11.74 4.52 -24.09
CA CYS D 57 12.98 3.77 -24.21
C CYS D 57 13.25 2.75 -23.08
N ASN D 58 13.32 1.47 -23.47
CA ASN D 58 13.53 0.31 -22.58
C ASN D 58 14.69 0.38 -21.60
N PRO D 59 14.39 0.33 -20.31
CA PRO D 59 15.42 0.37 -19.27
C PRO D 59 16.52 -0.67 -19.39
N LYS D 60 16.20 -1.94 -19.19
CA LYS D 60 17.26 -2.93 -19.28
C LYS D 60 18.11 -2.67 -20.51
N LEU D 61 17.49 -2.26 -21.60
CA LEU D 61 18.23 -2.03 -22.84
C LEU D 61 18.64 -0.63 -23.25
N ALA D 62 18.07 0.39 -22.63
CA ALA D 62 18.44 1.77 -22.98
C ALA D 62 19.95 1.87 -22.95
N ILE D 63 20.51 2.83 -23.68
CA ILE D 63 21.95 3.00 -23.73
C ILE D 63 22.28 4.49 -23.72
N TYR D 64 21.94 5.13 -22.60
CA TYR D 64 22.11 6.57 -22.38
C TYR D 64 23.53 6.99 -22.08
N SER D 65 23.67 8.27 -21.70
CA SER D 65 24.98 8.82 -21.39
C SER D 65 25.09 9.60 -20.09
N TYR D 66 26.22 9.40 -19.45
CA TYR D 66 26.58 10.05 -18.19
C TYR D 66 28.09 10.27 -18.21
N SER D 67 28.67 10.38 -17.02
CA SER D 67 30.08 10.58 -16.80
C SER D 67 30.16 11.24 -15.45
N PHE D 68 31.14 10.83 -14.64
CA PHE D 68 31.32 11.42 -13.32
C PHE D 68 31.98 12.80 -13.43
N LYS D 69 31.78 13.60 -12.40
CA LYS D 69 32.34 14.94 -12.32
C LYS D 69 32.96 15.10 -10.93
N LYS D 70 34.21 14.69 -10.80
CA LYS D 70 34.90 14.80 -9.52
C LYS D 70 34.02 14.45 -8.30
N GLY D 71 33.82 13.14 -8.07
CA GLY D 71 33.05 12.71 -6.91
C GLY D 71 31.59 12.29 -7.00
N ASN D 72 30.80 12.90 -7.87
CA ASN D 72 29.39 12.55 -7.96
C ASN D 72 28.90 12.12 -9.33
N ILE D 73 27.62 11.77 -9.39
CA ILE D 73 27.01 11.34 -10.64
C ILE D 73 26.38 12.50 -11.38
N VAL D 74 26.41 12.39 -12.71
CA VAL D 74 25.83 13.39 -13.58
C VAL D 74 25.41 12.74 -14.88
N CYS D 75 24.20 13.07 -15.34
CA CYS D 75 23.71 12.50 -16.57
C CYS D 75 24.19 13.28 -17.79
N GLY D 76 23.65 14.48 -17.99
CA GLY D 76 24.09 15.29 -19.12
C GLY D 76 23.47 14.97 -20.48
N LYS D 77 24.27 15.06 -21.56
CA LYS D 77 23.80 14.78 -22.92
C LYS D 77 22.85 13.61 -23.01
N ASN D 78 21.56 13.89 -22.82
CA ASN D 78 20.51 12.88 -22.82
C ASN D 78 19.77 12.80 -24.16
N ASN D 79 18.48 12.48 -24.09
CA ASN D 79 17.64 12.34 -25.28
C ASN D 79 16.17 12.23 -24.86
N GLY D 80 15.79 12.99 -23.83
CA GLY D 80 14.42 12.96 -23.34
C GLY D 80 14.13 11.79 -22.42
N CYS D 81 13.59 10.73 -23.01
CA CYS D 81 13.24 9.52 -22.28
C CYS D 81 14.40 9.15 -21.38
N LEU D 82 15.60 9.19 -21.95
CA LEU D 82 16.81 8.82 -21.24
C LEU D 82 17.15 9.63 -19.99
N ARG D 83 17.34 10.94 -20.14
CA ARG D 83 17.71 11.77 -18.99
C ARG D 83 17.04 11.18 -17.76
N ASP D 84 15.74 10.94 -17.90
CA ASP D 84 14.93 10.37 -16.83
C ASP D 84 15.59 9.09 -16.43
N ILE D 85 15.48 8.10 -17.32
CA ILE D 85 16.08 6.80 -17.11
C ILE D 85 17.40 6.98 -16.37
N CYS D 86 18.35 7.61 -17.07
CA CYS D 86 19.66 7.87 -16.49
C CYS D 86 19.44 8.43 -15.09
N GLU D 87 18.55 9.41 -15.01
CA GLU D 87 18.22 10.04 -13.74
C GLU D 87 17.84 8.99 -12.73
N CYS D 88 16.84 8.18 -13.06
CA CYS D 88 16.44 7.11 -12.17
C CYS D 88 17.75 6.49 -11.77
N ASP D 89 18.47 5.98 -12.76
CA ASP D 89 19.76 5.38 -12.49
C ASP D 89 20.59 6.25 -11.59
N ARG D 90 20.69 7.53 -11.92
CA ARG D 90 21.47 8.44 -11.10
C ARG D 90 20.91 8.49 -9.71
N VAL D 91 19.97 9.39 -9.51
CA VAL D 91 19.35 9.58 -8.22
C VAL D 91 18.95 8.29 -7.52
N ALA D 92 18.66 7.25 -8.29
CA ALA D 92 18.29 5.99 -7.67
C ALA D 92 19.58 5.42 -7.15
N ALA D 93 20.57 5.28 -8.02
CA ALA D 93 21.83 4.75 -7.54
C ALA D 93 22.33 5.77 -6.54
N ASN D 94 22.08 7.04 -6.82
CA ASN D 94 22.51 8.11 -5.93
C ASN D 94 21.92 7.79 -4.58
N CYS D 95 20.72 7.21 -4.59
CA CYS D 95 19.98 6.83 -3.37
C CYS D 95 20.81 5.92 -2.46
N PHE D 96 21.25 4.77 -2.98
CA PHE D 96 22.05 3.82 -2.23
C PHE D 96 22.92 4.48 -1.16
N HIS D 97 23.81 5.34 -1.61
CA HIS D 97 24.76 6.05 -0.77
C HIS D 97 24.15 6.79 0.44
N GLN D 98 23.13 7.59 0.18
CA GLN D 98 22.47 8.39 1.21
C GLN D 98 22.24 7.73 2.56
N ASN D 99 22.20 6.40 2.58
CA ASN D 99 21.99 5.67 3.84
C ASN D 99 22.57 4.26 3.77
N LYS D 100 23.81 4.19 3.32
CA LYS D 100 24.50 2.92 3.20
C LYS D 100 24.81 2.36 4.59
N ASN D 101 24.48 3.14 5.61
CA ASN D 101 24.72 2.72 6.99
C ASN D 101 23.45 2.11 7.61
N THR D 102 22.28 2.49 7.09
CA THR D 102 21.02 1.95 7.59
C THR D 102 20.78 0.63 6.89
N TYR D 103 21.88 0.01 6.45
CA TYR D 103 21.85 -1.24 5.72
C TYR D 103 22.28 -2.46 6.57
N ASN D 104 21.58 -3.57 6.40
CA ASN D 104 21.91 -4.80 7.14
C ASN D 104 21.95 -6.07 6.29
N LYS D 105 23.08 -6.78 6.32
CA LYS D 105 23.20 -8.02 5.56
C LYS D 105 21.97 -8.85 5.93
N ASN D 106 21.51 -8.64 7.15
CA ASN D 106 20.35 -9.33 7.70
C ASN D 106 19.24 -9.57 6.66
N TYR D 107 19.03 -8.62 5.76
CA TYR D 107 17.96 -8.74 4.75
C TYR D 107 18.38 -9.10 3.33
N LYS D 108 19.67 -9.34 3.12
CA LYS D 108 20.15 -9.69 1.79
C LYS D 108 19.46 -10.92 1.29
N PHE D 109 19.22 -10.95 -0.02
CA PHE D 109 18.59 -12.11 -0.63
C PHE D 109 17.38 -12.64 0.11
N LEU D 110 16.40 -11.80 0.41
CA LEU D 110 15.23 -12.30 1.12
C LEU D 110 14.58 -13.40 0.32
N SER D 111 13.45 -13.90 0.82
CA SER D 111 12.73 -14.96 0.13
C SER D 111 11.29 -14.52 0.03
N SER D 112 10.59 -14.99 -0.99
CA SER D 112 9.19 -14.61 -1.17
C SER D 112 8.58 -14.43 0.20
N SER D 113 8.44 -15.53 0.92
CA SER D 113 7.87 -15.51 2.26
C SER D 113 7.85 -14.12 2.90
N ARG D 114 9.02 -13.65 3.33
CA ARG D 114 9.13 -12.34 3.97
C ARG D 114 8.46 -11.16 3.26
N CYS D 115 7.88 -11.40 2.10
CA CYS D 115 7.25 -10.30 1.36
C CYS D 115 5.86 -10.58 0.80
N ARG D 116 4.98 -11.18 1.58
CA ARG D 116 3.64 -11.44 1.08
C ARG D 116 2.73 -10.22 1.20
N GLN D 117 3.17 -9.23 1.98
CA GLN D 117 2.41 -8.00 2.20
C GLN D 117 1.84 -7.52 0.88
N THR D 118 0.75 -6.77 0.97
CA THR D 118 0.12 -6.25 -0.25
C THR D 118 1.06 -5.32 -1.00
N SER D 119 0.92 -5.34 -2.32
CA SER D 119 1.73 -4.54 -3.22
C SER D 119 1.68 -3.04 -2.98
N GLU D 120 2.60 -2.54 -2.15
CA GLU D 120 2.66 -1.10 -1.90
C GLU D 120 2.72 -0.46 -3.29
N GLN D 121 1.68 0.29 -3.65
CA GLN D 121 1.58 0.94 -4.95
C GLN D 121 2.56 2.09 -5.13
N CYS D 122 2.90 2.36 -6.38
CA CYS D 122 3.81 3.43 -6.72
C CYS D 122 3.35 4.75 -6.16
#